data_4PWI
#
_entry.id   4PWI
#
_cell.length_a   43.150
_cell.length_b   85.726
_cell.length_c   63.774
_cell.angle_alpha   90.00
_cell.angle_beta   90.00
_cell.angle_gamma   90.00
#
_symmetry.space_group_name_H-M   'P 21 21 2'
#
loop_
_entity.id
_entity.type
_entity.pdbx_description
1 polymer Transthyretin
2 non-polymer '(2R)-3-(3,4-dihydroxyphenyl)-2-{[(2E)-3-(3,4-dihydroxyphenyl)prop-2-enoyl]oxy}propanoic acid'
3 water water
#
_entity_poly.entity_id   1
_entity_poly.type   'polypeptide(L)'
_entity_poly.pdbx_seq_one_letter_code
;MRGSHHHHHHGSMASHRLLLLCLAGLVFVSEAGPTGTGESKCPLMVKVLDAVRGSPAINVAMHVFRKAADDTWEPFASGK
TSESGELHGLTTEEEFVEGIYKVEIDTKSYWKALGISPFHEHAEVVFTANDSGPRRYTIAALLSPYSYSTTAVVTNPKE
;
_entity_poly.pdbx_strand_id   A,B
#
loop_
_chem_comp.id
_chem_comp.type
_chem_comp.name
_chem_comp.formula
ROA non-polymer '(2R)-3-(3,4-dihydroxyphenyl)-2-{[(2E)-3-(3,4-dihydroxyphenyl)prop-2-enoyl]oxy}propanoic acid' 'C18 H16 O8'
#
# COMPACT_ATOMS: atom_id res chain seq x y z
N CYS A 42 1.96 17.01 -16.57
CA CYS A 42 2.11 16.30 -15.31
C CYS A 42 0.77 15.80 -14.77
N PRO A 43 0.22 14.74 -15.40
CA PRO A 43 -1.03 14.19 -14.83
C PRO A 43 -0.76 13.24 -13.66
N LEU A 44 0.50 12.96 -13.36
CA LEU A 44 0.82 12.09 -12.23
C LEU A 44 2.04 12.62 -11.50
N MET A 45 1.88 12.95 -10.23
CA MET A 45 3.00 13.41 -9.43
C MET A 45 2.96 12.64 -8.13
N VAL A 46 4.14 12.32 -7.59
CA VAL A 46 4.22 11.64 -6.31
C VAL A 46 5.10 12.43 -5.36
N LYS A 47 4.60 12.65 -4.13
CA LYS A 47 5.36 13.35 -3.10
C LYS A 47 5.53 12.47 -1.87
N VAL A 48 6.74 12.44 -1.32
CA VAL A 48 7.03 11.58 -0.19
C VAL A 48 7.63 12.41 0.93
N LEU A 49 7.10 12.23 2.14
CA LEU A 49 7.51 12.98 3.32
C LEU A 49 8.01 12.05 4.40
N ASP A 50 8.96 12.53 5.19
CA ASP A 50 9.57 11.78 6.28
C ASP A 50 9.02 12.27 7.62
N ALA A 51 8.31 11.41 8.32
CA ALA A 51 7.65 11.75 9.59
C ALA A 51 8.59 11.70 10.81
N VAL A 52 9.78 11.15 10.63
CA VAL A 52 10.79 11.08 11.69
C VAL A 52 11.60 12.36 11.74
N ARG A 53 11.99 12.85 10.57
CA ARG A 53 12.87 14.02 10.47
C ARG A 53 12.11 15.32 10.20
N GLY A 54 10.84 15.23 9.82
CA GLY A 54 10.06 16.41 9.49
C GLY A 54 10.60 17.10 8.24
N SER A 55 10.75 16.33 7.18
CA SER A 55 11.39 16.82 5.97
C SER A 55 10.78 16.09 4.78
N PRO A 56 11.01 16.63 3.57
CA PRO A 56 10.75 15.78 2.41
C PRO A 56 11.65 14.54 2.47
N ALA A 57 11.19 13.45 1.88
CA ALA A 57 12.01 12.24 1.74
C ALA A 57 12.65 12.32 0.37
N ILE A 58 13.96 12.57 0.36
CA ILE A 58 14.68 12.85 -0.87
C ILE A 58 15.33 11.59 -1.41
N ASN A 59 15.40 11.49 -2.73
CA ASN A 59 16.08 10.38 -3.41
C ASN A 59 15.40 9.05 -3.16
N VAL A 60 14.09 9.10 -2.98
CA VAL A 60 13.28 7.89 -2.85
C VAL A 60 12.92 7.36 -4.24
N ALA A 61 13.39 6.16 -4.52
CA ALA A 61 13.08 5.50 -5.80
C ALA A 61 11.66 4.95 -5.82
N MET A 62 11.04 5.02 -6.99
CA MET A 62 9.76 4.34 -7.18
C MET A 62 9.60 3.90 -8.60
N HIS A 63 8.80 2.84 -8.76
CA HIS A 63 8.46 2.32 -10.07
C HIS A 63 6.96 2.30 -10.21
N VAL A 64 6.50 2.67 -11.40
CA VAL A 64 5.08 2.65 -11.72
C VAL A 64 4.82 1.56 -12.74
N PHE A 65 3.74 0.81 -12.53
CA PHE A 65 3.34 -0.28 -13.41
C PHE A 65 1.91 -0.06 -13.85
N ARG A 66 1.55 -0.65 -14.98
CA ARG A 66 0.20 -0.56 -15.49
C ARG A 66 -0.25 -1.97 -15.81
N LYS A 67 -1.47 -2.32 -15.43
CA LYS A 67 -1.97 -3.67 -15.66
C LYS A 67 -2.26 -3.86 -17.14
N ALA A 68 -1.71 -4.92 -17.71
CA ALA A 68 -1.89 -5.22 -19.12
C ALA A 68 -3.15 -6.04 -19.35
N ALA A 69 -3.50 -6.26 -20.61
CA ALA A 69 -4.70 -7.00 -20.99
C ALA A 69 -4.67 -8.44 -20.47
N ASP A 70 -3.47 -8.99 -20.31
CA ASP A 70 -3.31 -10.34 -19.79
C ASP A 70 -3.18 -10.36 -18.27
N ASP A 71 -3.50 -9.22 -17.64
CA ASP A 71 -3.54 -9.08 -16.18
C ASP A 71 -2.18 -9.12 -15.48
N THR A 72 -1.11 -8.92 -16.24
CA THR A 72 0.23 -8.82 -15.67
C THR A 72 0.59 -7.34 -15.47
N TRP A 73 1.50 -7.05 -14.54
CA TRP A 73 1.96 -5.68 -14.32
C TRP A 73 3.08 -5.37 -15.28
N GLU A 74 2.86 -4.39 -16.15
CA GLU A 74 3.88 -3.96 -17.09
C GLU A 74 4.55 -2.69 -16.61
N PRO A 75 5.87 -2.60 -16.75
CA PRO A 75 6.57 -1.36 -16.40
C PRO A 75 6.02 -0.16 -17.17
N PHE A 76 5.79 0.94 -16.45
CA PHE A 76 5.19 2.13 -17.03
C PHE A 76 6.11 3.37 -16.96
N ALA A 77 6.69 3.62 -15.78
CA ALA A 77 7.60 4.74 -15.59
C ALA A 77 8.32 4.54 -14.27
N SER A 78 9.43 5.23 -14.08
CA SER A 78 10.13 5.19 -12.78
C SER A 78 10.92 6.46 -12.57
N GLY A 79 11.38 6.66 -11.35
CA GLY A 79 12.14 7.85 -11.05
C GLY A 79 12.43 7.94 -9.57
N LYS A 80 13.05 9.03 -9.17
CA LYS A 80 13.26 9.25 -7.74
C LYS A 80 12.91 10.66 -7.31
N THR A 81 12.52 10.80 -6.05
CA THR A 81 12.12 12.11 -5.54
C THR A 81 13.27 13.11 -5.50
N SER A 82 12.93 14.36 -5.78
CA SER A 82 13.89 15.47 -5.73
C SER A 82 14.09 15.96 -4.31
N GLU A 83 14.82 17.08 -4.18
CA GLU A 83 15.08 17.67 -2.87
C GLU A 83 13.80 18.13 -2.19
N SER A 84 12.74 18.34 -2.98
CA SER A 84 11.45 18.76 -2.45
C SER A 84 10.57 17.58 -2.03
N GLY A 85 11.06 16.35 -2.29
CA GLY A 85 10.31 15.15 -1.98
C GLY A 85 9.35 14.79 -3.10
N GLU A 86 9.41 15.54 -4.19
CA GLU A 86 8.46 15.38 -5.30
C GLU A 86 9.11 14.71 -6.50
N LEU A 87 8.32 13.92 -7.21
CA LEU A 87 8.74 13.31 -8.45
C LEU A 87 7.74 13.73 -9.53
N HIS A 88 8.24 14.55 -10.45
CA HIS A 88 7.46 15.09 -11.56
C HIS A 88 7.87 14.43 -12.87
N GLY A 89 7.04 14.60 -13.89
CA GLY A 89 7.39 14.18 -15.23
C GLY A 89 7.35 12.70 -15.53
N LEU A 90 6.70 11.89 -14.67
CA LEU A 90 6.64 10.45 -14.89
C LEU A 90 5.97 10.09 -16.22
N THR A 91 4.95 10.87 -16.59
CA THR A 91 4.18 10.54 -17.79
C THR A 91 3.59 11.77 -18.47
N THR A 92 2.80 11.54 -19.52
CA THR A 92 2.16 12.63 -20.25
C THR A 92 0.67 12.34 -20.36
N GLU A 93 -0.11 13.37 -20.70
CA GLU A 93 -1.55 13.18 -20.87
C GLU A 93 -1.89 12.13 -21.94
N GLU A 94 -1.14 12.10 -23.04
CA GLU A 94 -1.38 11.11 -24.10
C GLU A 94 -1.06 9.68 -23.66
N GLU A 95 0.02 9.51 -22.91
CA GLU A 95 0.46 8.18 -22.52
C GLU A 95 -0.34 7.60 -21.37
N PHE A 96 -0.82 8.48 -20.50
CA PHE A 96 -1.48 8.07 -19.27
C PHE A 96 -2.95 7.78 -19.55
N VAL A 97 -3.19 6.69 -20.28
CA VAL A 97 -4.55 6.30 -20.64
C VAL A 97 -5.26 5.65 -19.46
N GLU A 98 -6.56 5.38 -19.64
CA GLU A 98 -7.32 4.60 -18.65
C GLU A 98 -6.58 3.34 -18.29
N GLY A 99 -6.64 2.94 -17.03
CA GLY A 99 -6.08 1.67 -16.66
C GLY A 99 -5.93 1.56 -15.16
N ILE A 100 -5.40 0.44 -14.72
CA ILE A 100 -5.07 0.23 -13.32
C ILE A 100 -3.56 0.37 -13.17
N TYR A 101 -3.15 1.29 -12.30
CA TYR A 101 -1.75 1.61 -12.11
C TYR A 101 -1.30 1.24 -10.70
N LYS A 102 -0.04 0.87 -10.60
CA LYS A 102 0.55 0.57 -9.30
C LYS A 102 1.81 1.41 -9.16
N VAL A 103 1.90 2.17 -8.07
CA VAL A 103 3.14 2.85 -7.73
C VAL A 103 3.78 2.11 -6.58
N GLU A 104 5.00 1.63 -6.78
CA GLU A 104 5.74 0.93 -5.72
C GLU A 104 6.86 1.85 -5.25
N ILE A 105 6.75 2.38 -4.05
CA ILE A 105 7.73 3.33 -3.53
C ILE A 105 8.75 2.58 -2.69
N ASP A 106 10.03 2.68 -3.03
CA ASP A 106 11.03 1.90 -2.30
C ASP A 106 11.39 2.55 -0.97
N THR A 107 10.50 2.37 0.00
CA THR A 107 10.69 2.96 1.31
C THR A 107 11.76 2.23 2.12
N LYS A 108 11.93 0.94 1.86
CA LYS A 108 12.93 0.17 2.61
C LYS A 108 14.35 0.72 2.40
N SER A 109 14.72 0.98 1.15
CA SER A 109 16.06 1.50 0.86
C SER A 109 16.26 2.88 1.47
N TYR A 110 15.19 3.69 1.48
CA TYR A 110 15.25 4.99 2.12
C TYR A 110 15.61 4.90 3.60
N TRP A 111 14.89 4.07 4.34
CA TRP A 111 15.17 3.91 5.77
C TRP A 111 16.53 3.29 6.05
N LYS A 112 16.90 2.30 5.25
CA LYS A 112 18.17 1.57 5.47
C LYS A 112 19.35 2.52 5.37
N ALA A 113 19.25 3.47 4.44
CA ALA A 113 20.34 4.44 4.21
C ALA A 113 20.43 5.42 5.37
N LEU A 114 19.36 5.55 6.14
CA LEU A 114 19.36 6.38 7.35
C LEU A 114 19.69 5.56 8.59
N GLY A 115 20.03 4.29 8.40
CA GLY A 115 20.45 3.43 9.50
C GLY A 115 19.32 2.67 10.16
N ILE A 116 18.14 2.76 9.55
CA ILE A 116 16.93 2.18 10.13
C ILE A 116 16.48 0.93 9.38
N SER A 117 16.16 -0.12 10.13
CA SER A 117 15.60 -1.32 9.55
C SER A 117 14.08 -1.24 9.66
N PRO A 118 13.40 -0.90 8.56
CA PRO A 118 11.96 -0.61 8.65
C PRO A 118 11.12 -1.87 8.51
N PHE A 119 9.82 -1.76 8.74
CA PHE A 119 8.93 -2.90 8.67
C PHE A 119 8.62 -3.29 7.23
N HIS A 120 8.24 -2.31 6.42
CA HIS A 120 7.71 -2.60 5.09
C HIS A 120 8.79 -2.75 4.04
N GLU A 121 8.50 -3.56 3.04
CA GLU A 121 9.41 -3.69 1.90
C GLU A 121 9.28 -2.46 1.01
N HIS A 122 8.05 -2.01 0.83
CA HIS A 122 7.78 -0.82 0.04
C HIS A 122 6.40 -0.33 0.40
N ALA A 123 6.06 0.88 -0.04
CA ALA A 123 4.70 1.38 0.07
C ALA A 123 4.09 1.22 -1.32
N GLU A 124 2.91 0.63 -1.37
CA GLU A 124 2.28 0.33 -2.66
C GLU A 124 0.96 1.09 -2.79
N VAL A 125 0.79 1.78 -3.92
CA VAL A 125 -0.44 2.51 -4.20
C VAL A 125 -1.04 2.00 -5.51
N VAL A 126 -2.21 1.37 -5.45
CA VAL A 126 -2.84 0.78 -6.62
C VAL A 126 -4.21 1.40 -6.87
N PHE A 127 -4.43 1.91 -8.08
CA PHE A 127 -5.65 2.67 -8.35
C PHE A 127 -6.02 2.63 -9.82
N THR A 128 -7.32 2.75 -10.09
CA THR A 128 -7.80 2.93 -11.46
C THR A 128 -7.72 4.40 -11.83
N ALA A 129 -7.11 4.70 -12.97
CA ALA A 129 -6.96 6.09 -13.40
C ALA A 129 -7.79 6.41 -14.64
N ASN A 130 -8.29 7.65 -14.70
CA ASN A 130 -8.92 8.22 -15.89
C ASN A 130 -10.19 7.50 -16.36
N ASP A 131 -10.84 6.80 -15.45
CA ASP A 131 -12.05 6.04 -15.80
C ASP A 131 -13.21 6.95 -16.22
N SER A 132 -13.20 8.20 -15.77
CA SER A 132 -14.25 9.14 -16.15
C SER A 132 -13.67 10.30 -16.95
N GLY A 133 -12.60 10.03 -17.69
CA GLY A 133 -11.91 11.08 -18.42
C GLY A 133 -10.63 11.45 -17.69
N PRO A 134 -9.78 12.26 -18.33
CA PRO A 134 -8.47 12.62 -17.76
C PRO A 134 -8.58 13.37 -16.44
N ARG A 135 -7.76 12.97 -15.48
CA ARG A 135 -7.62 13.70 -14.22
C ARG A 135 -6.14 13.90 -13.95
N ARG A 136 -5.84 14.83 -13.05
CA ARG A 136 -4.49 14.98 -12.55
C ARG A 136 -4.44 14.30 -11.18
N TYR A 137 -3.42 13.49 -10.96
CA TYR A 137 -3.31 12.71 -9.73
C TYR A 137 -2.04 13.08 -9.00
N THR A 138 -2.20 13.46 -7.73
CA THR A 138 -1.06 13.64 -6.85
C THR A 138 -1.17 12.59 -5.75
N ILE A 139 -0.18 11.72 -5.66
CA ILE A 139 -0.12 10.67 -4.65
C ILE A 139 0.87 11.17 -3.60
N ALA A 140 0.45 11.24 -2.34
CA ALA A 140 1.36 11.62 -1.26
C ALA A 140 1.55 10.44 -0.34
N ALA A 141 2.76 10.23 0.15
CA ALA A 141 3.04 9.19 1.14
C ALA A 141 3.82 9.82 2.30
N LEU A 142 3.42 9.49 3.52
CA LEU A 142 4.08 10.00 4.73
C LEU A 142 4.67 8.78 5.42
N LEU A 143 5.98 8.80 5.64
CA LEU A 143 6.69 7.58 6.05
C LEU A 143 7.21 7.62 7.48
N SER A 144 7.01 6.51 8.18
CA SER A 144 7.70 6.23 9.44
C SER A 144 8.27 4.82 9.33
N PRO A 145 9.20 4.45 10.23
CA PRO A 145 9.81 3.13 10.07
C PRO A 145 8.84 1.94 10.13
N TYR A 146 7.78 2.03 10.92
CA TYR A 146 6.84 0.91 11.05
C TYR A 146 5.44 1.28 10.57
N SER A 147 5.32 2.39 9.84
CA SER A 147 4.02 2.86 9.40
C SER A 147 4.15 3.75 8.20
N TYR A 148 3.14 3.74 7.34
CA TYR A 148 3.05 4.80 6.36
C TYR A 148 1.61 5.13 6.08
N SER A 149 1.37 6.36 5.62
CA SER A 149 0.05 6.80 5.25
C SER A 149 0.17 7.26 3.80
N THR A 150 -0.89 7.05 3.03
CA THR A 150 -0.90 7.56 1.68
C THR A 150 -2.25 8.14 1.36
N THR A 151 -2.25 9.22 0.60
CA THR A 151 -3.49 9.89 0.19
CA THR A 151 -3.50 9.85 0.19
C THR A 151 -3.39 10.26 -1.28
N ALA A 152 -4.53 10.55 -1.89
CA ALA A 152 -4.51 11.00 -3.28
C ALA A 152 -5.28 12.29 -3.39
N VAL A 153 -4.74 13.22 -4.18
CA VAL A 153 -5.47 14.41 -4.55
C VAL A 153 -5.75 14.34 -6.03
N VAL A 154 -7.03 14.33 -6.38
CA VAL A 154 -7.44 14.12 -7.75
C VAL A 154 -8.18 15.37 -8.22
N THR A 155 -7.67 15.98 -9.28
CA THR A 155 -8.27 17.22 -9.79
C THR A 155 -8.70 17.11 -11.25
N ASN A 156 -9.69 17.94 -11.63
CA ASN A 156 -10.17 18.04 -13.00
C ASN A 156 -10.24 19.50 -13.44
N CYS B 42 -1.40 -17.09 17.47
CA CYS B 42 -1.65 -15.98 16.55
C CYS B 42 -0.37 -15.20 16.25
N PRO B 43 0.52 -15.74 15.39
CA PRO B 43 1.72 -14.98 15.05
C PRO B 43 1.41 -13.75 14.18
N LEU B 44 0.22 -13.72 13.59
CA LEU B 44 -0.15 -12.66 12.66
C LEU B 44 -1.62 -12.32 12.78
N MET B 45 -1.93 -11.06 13.10
CA MET B 45 -3.32 -10.61 13.20
C MET B 45 -3.45 -9.34 12.35
N VAL B 46 -4.61 -9.14 11.74
CA VAL B 46 -4.85 -7.91 10.98
C VAL B 46 -6.08 -7.21 11.52
N LYS B 47 -5.98 -5.91 11.76
CA LYS B 47 -7.12 -5.13 12.24
C LYS B 47 -7.39 -3.96 11.31
N VAL B 48 -8.66 -3.74 10.97
CA VAL B 48 -9.02 -2.70 10.02
C VAL B 48 -10.05 -1.77 10.64
N LEU B 49 -9.80 -0.46 10.52
CA LEU B 49 -10.69 0.56 11.08
C LEU B 49 -11.19 1.50 9.99
N ASP B 50 -12.37 2.07 10.22
CA ASP B 50 -13.05 2.95 9.27
C ASP B 50 -13.00 4.38 9.82
N ALA B 51 -12.30 5.27 9.11
CA ALA B 51 -12.11 6.66 9.54
C ALA B 51 -13.28 7.59 9.19
N VAL B 52 -14.20 7.10 8.35
CA VAL B 52 -15.40 7.85 7.99
C VAL B 52 -16.51 7.62 9.01
N ARG B 53 -16.67 6.38 9.45
CA ARG B 53 -17.74 6.02 10.37
C ARG B 53 -17.30 5.95 11.83
N GLY B 54 -16.00 5.96 12.07
CA GLY B 54 -15.48 5.82 13.43
C GLY B 54 -15.80 4.46 14.04
N SER B 55 -15.48 3.40 13.32
CA SER B 55 -15.89 2.06 13.70
C SER B 55 -14.88 1.05 13.22
N PRO B 56 -14.94 -0.17 13.76
CA PRO B 56 -14.20 -1.23 13.08
C PRO B 56 -14.70 -1.38 11.65
N ALA B 57 -13.83 -1.81 10.74
CA ALA B 57 -14.26 -2.09 9.37
C ALA B 57 -14.57 -3.58 9.31
N ILE B 58 -15.86 -3.89 9.26
CA ILE B 58 -16.34 -5.27 9.39
C ILE B 58 -16.55 -5.91 8.02
N ASN B 59 -16.31 -7.22 7.95
CA ASN B 59 -16.49 -8.00 6.71
C ASN B 59 -15.57 -7.54 5.58
N VAL B 60 -14.41 -7.02 5.93
CA VAL B 60 -13.41 -6.67 4.96
C VAL B 60 -12.58 -7.91 4.60
N ALA B 61 -12.59 -8.29 3.32
CA ALA B 61 -11.86 -9.46 2.87
C ALA B 61 -10.40 -9.14 2.64
N MET B 62 -9.52 -10.10 2.93
CA MET B 62 -8.13 -9.91 2.59
C MET B 62 -7.48 -11.24 2.29
N HIS B 63 -6.42 -11.20 1.49
CA HIS B 63 -5.60 -12.38 1.23
C HIS B 63 -4.17 -12.11 1.64
N VAL B 64 -3.52 -13.14 2.15
CA VAL B 64 -2.13 -13.07 2.53
C VAL B 64 -1.33 -13.94 1.58
N PHE B 65 -0.23 -13.41 1.07
CA PHE B 65 0.58 -14.13 0.10
C PHE B 65 1.98 -14.23 0.65
N ARG B 66 2.70 -15.28 0.25
N ARG B 66 2.71 -15.28 0.25
CA ARG B 66 4.13 -15.38 0.54
CA ARG B 66 4.13 -15.35 0.55
C ARG B 66 4.91 -15.37 -0.76
C ARG B 66 4.91 -15.36 -0.75
N LYS B 67 6.01 -14.63 -0.78
CA LYS B 67 6.81 -14.53 -2.00
C LYS B 67 7.57 -15.82 -2.24
N ALA B 68 7.40 -16.38 -3.44
CA ALA B 68 8.07 -17.61 -3.81
C ALA B 68 9.41 -17.31 -4.47
N ALA B 69 10.19 -18.35 -4.74
CA ALA B 69 11.54 -18.21 -5.28
C ALA B 69 11.59 -17.69 -6.72
N ASP B 70 10.46 -17.73 -7.42
CA ASP B 70 10.36 -17.13 -8.74
C ASP B 70 9.79 -15.71 -8.67
N ASP B 71 9.77 -15.16 -7.45
CA ASP B 71 9.26 -13.81 -7.18
C ASP B 71 7.77 -13.65 -7.48
N THR B 72 7.05 -14.77 -7.55
CA THR B 72 5.60 -14.73 -7.68
C THR B 72 4.96 -14.81 -6.30
N TRP B 73 3.71 -14.38 -6.18
CA TRP B 73 3.03 -14.40 -4.90
C TRP B 73 2.15 -15.64 -4.73
N GLU B 74 2.52 -16.48 -3.78
CA GLU B 74 1.73 -17.68 -3.50
C GLU B 74 0.69 -17.37 -2.45
N PRO B 75 -0.58 -17.70 -2.73
CA PRO B 75 -1.63 -17.64 -1.71
C PRO B 75 -1.18 -18.40 -0.48
N PHE B 76 -1.45 -17.84 0.69
CA PHE B 76 -0.96 -18.37 1.95
C PHE B 76 -2.14 -18.52 2.91
N ALA B 77 -2.94 -17.47 3.04
CA ALA B 77 -4.07 -17.44 3.96
C ALA B 77 -5.02 -16.34 3.53
N SER B 78 -6.27 -16.41 3.98
CA SER B 78 -7.23 -15.34 3.74
C SER B 78 -8.38 -15.40 4.72
N GLY B 79 -9.23 -14.38 4.71
CA GLY B 79 -10.34 -14.34 5.62
C GLY B 79 -11.00 -12.98 5.53
N LYS B 80 -12.01 -12.75 6.36
CA LYS B 80 -12.59 -11.42 6.45
C LYS B 80 -12.71 -10.94 7.88
N THR B 81 -12.64 -9.63 8.07
CA THR B 81 -12.63 -9.10 9.43
C THR B 81 -13.95 -9.37 10.18
N SER B 82 -13.82 -9.57 11.49
CA SER B 82 -14.95 -9.82 12.38
C SER B 82 -15.65 -8.51 12.74
N GLU B 83 -16.63 -8.60 13.64
CA GLU B 83 -17.35 -7.41 14.07
C GLU B 83 -16.47 -6.41 14.80
N SER B 84 -15.31 -6.86 15.25
CA SER B 84 -14.38 -5.99 15.96
C SER B 84 -13.34 -5.43 15.00
N GLY B 85 -13.50 -5.72 13.71
CA GLY B 85 -12.54 -5.32 12.70
C GLY B 85 -11.28 -6.16 12.63
N GLU B 86 -11.25 -7.28 13.36
CA GLU B 86 -10.03 -8.07 13.47
C GLU B 86 -10.11 -9.39 12.73
N LEU B 87 -8.99 -9.84 12.20
CA LEU B 87 -8.91 -11.15 11.55
C LEU B 87 -7.82 -11.97 12.22
N HIS B 88 -8.24 -13.02 12.92
CA HIS B 88 -7.32 -13.87 13.69
C HIS B 88 -7.17 -15.23 13.01
N GLY B 89 -6.21 -16.02 13.48
CA GLY B 89 -6.05 -17.40 13.04
C GLY B 89 -5.60 -17.59 11.61
N LEU B 90 -4.95 -16.58 11.04
CA LEU B 90 -4.48 -16.67 9.66
C LEU B 90 -3.42 -17.74 9.46
N THR B 91 -2.55 -17.91 10.45
CA THR B 91 -1.45 -18.85 10.31
C THR B 91 -1.03 -19.39 11.68
N THR B 92 -0.01 -20.24 11.71
CA THR B 92 0.50 -20.79 12.96
C THR B 92 1.99 -20.50 13.06
N GLU B 93 2.54 -20.65 14.26
CA GLU B 93 3.97 -20.47 14.50
C GLU B 93 4.82 -21.29 13.53
N GLU B 94 4.44 -22.55 13.34
CA GLU B 94 5.23 -23.45 12.51
C GLU B 94 5.25 -23.03 11.04
N GLU B 95 4.10 -22.59 10.53
CA GLU B 95 3.94 -22.26 9.12
C GLU B 95 4.52 -20.90 8.80
N PHE B 96 4.47 -19.99 9.77
CA PHE B 96 4.85 -18.61 9.54
C PHE B 96 6.36 -18.43 9.64
N VAL B 97 7.06 -18.93 8.63
CA VAL B 97 8.50 -18.86 8.61
C VAL B 97 8.99 -17.54 8.02
N GLU B 98 10.27 -17.25 8.21
CA GLU B 98 10.86 -16.04 7.63
C GLU B 98 10.60 -16.00 6.13
N GLY B 99 10.41 -14.80 5.60
CA GLY B 99 10.14 -14.63 4.19
C GLY B 99 9.44 -13.31 3.98
N ILE B 100 9.06 -13.01 2.75
CA ILE B 100 8.39 -11.76 2.44
C ILE B 100 6.91 -12.05 2.27
N TYR B 101 6.08 -11.30 2.98
CA TYR B 101 4.64 -11.53 2.97
C TYR B 101 3.92 -10.30 2.48
N LYS B 102 2.81 -10.54 1.79
CA LYS B 102 1.94 -9.45 1.35
C LYS B 102 0.52 -9.67 1.84
N VAL B 103 -0.03 -8.65 2.50
CA VAL B 103 -1.45 -8.66 2.88
C VAL B 103 -2.17 -7.72 1.93
N GLU B 104 -3.14 -8.25 1.19
CA GLU B 104 -3.87 -7.48 0.21
C GLU B 104 -5.29 -7.35 0.74
N ILE B 105 -5.63 -6.14 1.16
CA ILE B 105 -6.90 -5.84 1.79
C ILE B 105 -7.88 -5.25 0.77
N ASP B 106 -9.03 -5.90 0.59
CA ASP B 106 -9.99 -5.46 -0.43
C ASP B 106 -10.81 -4.28 0.08
N THR B 107 -10.17 -3.12 0.09
CA THR B 107 -10.80 -1.90 0.57
C THR B 107 -11.83 -1.40 -0.42
N LYS B 108 -11.63 -1.71 -1.70
CA LYS B 108 -12.55 -1.19 -2.72
C LYS B 108 -13.95 -1.76 -2.54
N SER B 109 -14.05 -3.07 -2.32
CA SER B 109 -15.36 -3.70 -2.08
C SER B 109 -16.01 -3.15 -0.81
N TYR B 110 -15.20 -2.85 0.19
CA TYR B 110 -15.72 -2.26 1.42
C TYR B 110 -16.41 -0.92 1.17
N TRP B 111 -15.73 0.01 0.50
CA TRP B 111 -16.30 1.32 0.24
C TRP B 111 -17.50 1.23 -0.70
N LYS B 112 -17.42 0.32 -1.67
CA LYS B 112 -18.53 0.12 -2.61
C LYS B 112 -19.82 -0.28 -1.89
N ALA B 113 -19.70 -1.15 -0.90
CA ALA B 113 -20.87 -1.60 -0.16
C ALA B 113 -21.50 -0.47 0.66
N LEU B 114 -20.69 0.53 0.99
CA LEU B 114 -21.15 1.70 1.73
C LEU B 114 -21.64 2.81 0.80
N GLY B 115 -21.51 2.60 -0.50
CA GLY B 115 -21.94 3.58 -1.49
C GLY B 115 -21.02 4.79 -1.57
N ILE B 116 -19.74 4.59 -1.28
CA ILE B 116 -18.76 5.65 -1.27
C ILE B 116 -17.67 5.35 -2.28
N SER B 117 -17.42 6.29 -3.19
CA SER B 117 -16.45 6.08 -4.26
C SER B 117 -15.03 6.12 -3.71
N PRO B 118 -14.25 5.03 -3.92
CA PRO B 118 -12.91 4.98 -3.32
C PRO B 118 -11.80 5.17 -4.34
N PHE B 119 -10.62 5.55 -3.89
CA PHE B 119 -9.49 5.76 -4.79
C PHE B 119 -8.74 4.47 -5.11
N HIS B 120 -8.41 3.70 -4.07
CA HIS B 120 -7.52 2.55 -4.20
C HIS B 120 -8.25 1.28 -4.63
N GLU B 121 -7.57 0.44 -5.41
CA GLU B 121 -8.10 -0.89 -5.74
C GLU B 121 -8.10 -1.77 -4.50
N HIS B 122 -7.08 -1.60 -3.68
CA HIS B 122 -6.93 -2.37 -2.46
C HIS B 122 -5.83 -1.71 -1.65
N ALA B 123 -5.67 -2.11 -0.40
CA ALA B 123 -4.56 -1.62 0.40
C ALA B 123 -3.58 -2.77 0.52
N GLU B 124 -2.30 -2.49 0.29
CA GLU B 124 -1.29 -3.52 0.32
C GLU B 124 -0.26 -3.31 1.42
N VAL B 125 -0.03 -4.35 2.22
CA VAL B 125 1.03 -4.30 3.21
C VAL B 125 2.05 -5.41 2.92
N VAL B 126 3.26 -5.02 2.54
CA VAL B 126 4.31 -5.97 2.18
C VAL B 126 5.47 -5.80 3.16
N PHE B 127 5.89 -6.92 3.77
CA PHE B 127 6.89 -6.89 4.83
C PHE B 127 7.66 -8.18 4.90
N THR B 128 8.86 -8.12 5.49
CA THR B 128 9.64 -9.33 5.77
C THR B 128 9.38 -9.77 7.21
N ALA B 129 9.09 -11.04 7.40
CA ALA B 129 9.04 -11.62 8.73
C ALA B 129 10.43 -12.10 9.11
N ASN B 130 10.89 -11.73 10.30
CA ASN B 130 12.25 -12.07 10.74
C ASN B 130 12.28 -12.56 12.18
N ASP B 131 12.98 -13.68 12.41
CA ASP B 131 13.06 -14.26 13.75
C ASP B 131 14.06 -13.54 14.65
N ARG B 136 5.18 -11.58 17.64
CA ARG B 136 3.82 -11.52 17.10
C ARG B 136 3.64 -10.25 16.29
N TYR B 137 2.93 -10.38 15.17
CA TYR B 137 2.71 -9.26 14.24
C TYR B 137 1.25 -8.85 14.24
N THR B 138 0.98 -7.59 14.57
CA THR B 138 -0.34 -7.05 14.34
C THR B 138 -0.22 -5.97 13.28
N ILE B 139 -0.93 -6.16 12.16
CA ILE B 139 -0.98 -5.16 11.12
C ILE B 139 -2.28 -4.39 11.31
N ALA B 140 -2.22 -3.08 11.47
CA ALA B 140 -3.44 -2.29 11.55
C ALA B 140 -3.56 -1.42 10.31
N ALA B 141 -4.78 -1.25 9.80
CA ALA B 141 -5.04 -0.38 8.66
C ALA B 141 -6.20 0.53 9.01
N LEU B 142 -6.02 1.81 8.74
CA LEU B 142 -7.05 2.79 8.97
C LEU B 142 -7.49 3.34 7.62
N LEU B 143 -8.79 3.17 7.31
CA LEU B 143 -9.25 3.43 5.94
C LEU B 143 -10.10 4.68 5.80
N SER B 144 -9.78 5.46 4.76
CA SER B 144 -10.67 6.51 4.24
C SER B 144 -10.82 6.28 2.74
N PRO B 145 -11.82 6.93 2.12
CA PRO B 145 -12.04 6.65 0.69
C PRO B 145 -10.83 6.98 -0.20
N TYR B 146 -10.11 8.05 0.10
CA TYR B 146 -8.97 8.45 -0.73
C TYR B 146 -7.63 8.33 -0.05
N SER B 147 -7.58 7.59 1.06
CA SER B 147 -6.37 7.52 1.86
C SER B 147 -6.41 6.31 2.77
N TYR B 148 -5.26 5.71 3.01
CA TYR B 148 -5.18 4.73 4.08
C TYR B 148 -3.84 4.87 4.79
N SER B 149 -3.81 4.45 6.06
CA SER B 149 -2.57 4.39 6.78
C SER B 149 -2.46 2.98 7.35
N THR B 150 -1.25 2.50 7.48
CA THR B 150 -1.06 1.18 8.03
C THR B 150 0.14 1.24 8.94
N THR B 151 0.05 0.50 10.04
CA THR B 151 1.17 0.42 10.96
CA THR B 151 1.15 0.41 10.99
C THR B 151 1.33 -1.03 11.42
N ALA B 152 2.48 -1.33 11.98
CA ALA B 152 2.74 -2.66 12.47
C ALA B 152 3.07 -2.53 13.94
N VAL B 153 2.46 -3.40 14.74
CA VAL B 153 2.80 -3.49 16.16
C VAL B 153 3.42 -4.87 16.34
N VAL B 154 4.71 -4.90 16.65
CA VAL B 154 5.44 -6.16 16.73
C VAL B 154 5.86 -6.36 18.17
N THR B 155 5.39 -7.46 18.78
CA THR B 155 5.60 -7.66 20.21
C THR B 155 6.12 -9.05 20.53
N ASN B 156 6.41 -9.28 21.82
CA ASN B 156 6.89 -10.58 22.28
C ASN B 156 6.67 -10.76 23.77
CAU ROA C . 3.14 21.79 0.78
CAV ROA C . 3.89 22.81 0.18
OAY ROA C . 3.36 23.73 -0.66
CAW ROA C . 5.24 22.90 0.45
OAZ ROA C . 5.90 23.91 -0.18
CAX ROA C . 5.86 21.99 1.30
CAT ROA C . 5.12 20.97 1.89
CAS ROA C . 3.74 20.86 1.63
CAO ROA C . 2.96 19.85 2.23
CAN ROA C . 2.84 18.61 1.30
CAP ROA C . 2.20 19.00 -0.05
OAR ROA C . 0.96 19.05 -0.14
OAQ ROA C . 3.01 19.29 -0.97
OAM ROA C . 2.21 17.47 1.97
CAK ROA C . 0.85 17.27 2.07
OAL ROA C . 0.01 18.17 2.09
CAJ ROA C . 0.43 15.79 2.31
CAI ROA C . 0.76 15.54 3.79
CAC ROA C . 0.23 14.39 4.42
CAD ROA C . 0.17 13.14 3.80
CAE ROA C . -0.35 12.06 4.52
OAG ROA C . -0.45 10.81 4.00
CAF ROA C . -0.80 12.22 5.83
OAH ROA C . -1.31 11.09 6.45
CAB ROA C . -0.74 13.46 6.45
CAA ROA C . -0.22 14.52 5.73
CAU ROA D . -3.24 -4.43 18.69
CAV ROA D . -3.53 -5.57 19.44
OAY ROA D . -2.61 -6.25 20.16
CAW ROA D . -4.83 -6.07 19.48
OAZ ROA D . -5.02 -7.18 20.23
CAX ROA D . -5.85 -5.47 18.78
CAT ROA D . -5.54 -4.36 18.03
CAS ROA D . -4.27 -3.81 17.98
CAO ROA D . -4.02 -2.69 17.20
CAN ROA D . -4.62 -1.34 17.64
CAP ROA D . -6.04 -1.41 18.27
OAR ROA D . -7.00 -1.21 17.50
OAQ ROA D . -6.11 -1.70 19.49
OAM ROA D . -4.68 -0.61 16.41
CAK ROA D . -4.88 0.72 16.48
OAL ROA D . -5.21 1.33 17.49
CAJ ROA D . -4.67 1.47 15.16
CAI ROA D . -4.70 2.96 15.47
CAC ROA D . -4.28 3.71 14.39
CAD ROA D . -3.81 3.08 13.23
CAE ROA D . -3.39 3.87 12.16
OAG ROA D . -2.91 3.34 11.00
CAF ROA D . -3.47 5.25 12.24
OAH ROA D . -3.04 5.95 11.14
CAB ROA D . -3.94 5.88 13.38
CAA ROA D . -4.35 5.10 14.46
#